data_2FV9
#
_entry.id   2FV9
#
_cell.length_a   73.799
_cell.length_b   76.221
_cell.length_c   102.092
_cell.angle_alpha   90.00
_cell.angle_beta   90.00
_cell.angle_gamma   90.00
#
_symmetry.space_group_name_H-M   'P 21 21 21'
#
loop_
_entity.id
_entity.type
_entity.pdbx_description
1 polymer 'ADAM 17'
2 non-polymer 'ZINC ION'
3 non-polymer N-{(2R)-2-[2-(hydroxyamino)-2-oxoethyl]-4-methylpentanoyl}-3-methyl-L-valyl-N-(2-aminoethyl)-L-alaninamide
4 non-polymer N-[(2R)-2-BENZYL-4-(HYDROXYAMINO)-4-OXOBUTANOYL]-L-ISOLEUCYL-L-LEUCINE
5 water water
#
_entity_poly.entity_id   1
_entity_poly.type   'polypeptide(L)'
_entity_poly.pdbx_seq_one_letter_code
;PDPMKNTCKLLVVADHRFYRYMGRGEESTTTNYLIELIDRVDDIYRNTAWDNAGFKGYGIQIEQIRILKSPQEVKPGEKH
YNMAKSYPNEEKDAWDVKMLLEQFSFDIAEEASKVCLAHLFTYQDFDMGTLGLAYGGSPRANSHGGVCPKAYYSPVGKKN
IYLNSGLTSTKNYGKTILTKEADLVTTHELGHNFGAEHDPDGLAECAPNEDQGGKYVMYPIAVSGDHENNKMFSQCSKQS
IYKTIESKAQECFQERSN
;
_entity_poly.pdbx_strand_id   A,B
#
loop_
_chem_comp.id
_chem_comp.type
_chem_comp.name
_chem_comp.formula
002 non-polymer N-[(2R)-2-BENZYL-4-(HYDROXYAMINO)-4-OXOBUTANOYL]-L-ISOLEUCYL-L-LEUCINE 'C23 H35 N3 O6'
INN peptide-like N-{(2R)-2-[2-(hydroxyamino)-2-oxoethyl]-4-methylpentanoyl}-3-methyl-L-valyl-N-(2-aminoethyl)-L-alaninamide 'C19 H37 N5 O5'
ZN non-polymer 'ZINC ION' 'Zn 2'
#
# COMPACT_ATOMS: atom_id res chain seq x y z
N PRO A 1 -4.35 -3.20 -3.38
CA PRO A 1 -4.92 -2.92 -4.72
C PRO A 1 -6.24 -3.63 -4.98
N ASP A 2 -7.11 -2.97 -5.74
CA ASP A 2 -8.41 -3.54 -6.07
C ASP A 2 -8.30 -4.32 -7.37
N PRO A 3 -8.18 -5.65 -7.29
CA PRO A 3 -8.06 -6.47 -8.51
C PRO A 3 -9.16 -6.22 -9.54
N MET A 4 -10.20 -5.50 -9.13
CA MET A 4 -11.30 -5.16 -10.05
C MET A 4 -10.93 -3.90 -10.82
N LYS A 5 -9.98 -3.16 -10.27
CA LYS A 5 -9.53 -1.91 -10.88
C LYS A 5 -8.02 -1.73 -10.79
N ASN A 6 -7.30 -2.55 -11.55
CA ASN A 6 -5.84 -2.49 -11.54
C ASN A 6 -5.24 -2.49 -12.94
N THR A 7 -6.08 -2.33 -13.96
CA THR A 7 -5.61 -2.35 -15.32
C THR A 7 -6.14 -1.18 -16.15
N CYS A 8 -5.22 -0.42 -16.73
CA CYS A 8 -5.57 0.71 -17.58
C CYS A 8 -5.75 0.12 -18.97
N LYS A 9 -6.99 0.09 -19.43
CA LYS A 9 -7.28 -0.44 -20.75
C LYS A 9 -6.87 0.62 -21.77
N LEU A 10 -6.28 0.17 -22.88
CA LEU A 10 -5.82 1.09 -23.91
C LEU A 10 -6.52 0.99 -25.25
N LEU A 11 -6.56 2.13 -25.93
CA LEU A 11 -7.07 2.22 -27.28
C LEU A 11 -5.73 2.42 -27.99
N VAL A 12 -5.35 1.48 -28.84
CA VAL A 12 -4.09 1.57 -29.58
C VAL A 12 -4.39 1.83 -31.05
N VAL A 13 -3.80 2.90 -31.59
CA VAL A 13 -4.01 3.24 -32.98
C VAL A 13 -2.71 3.21 -33.77
N ALA A 14 -2.75 2.60 -34.95
CA ALA A 14 -1.60 2.55 -35.84
C ALA A 14 -2.02 3.29 -37.10
N ASP A 15 -1.33 4.38 -37.44
CA ASP A 15 -1.67 5.16 -38.62
C ASP A 15 -1.12 4.47 -39.87
N HIS A 16 -1.42 5.02 -41.04
CA HIS A 16 -0.99 4.41 -42.31
C HIS A 16 0.51 4.27 -42.42
N ARG A 17 1.24 5.17 -41.77
CA ARG A 17 2.70 5.13 -41.82
C ARG A 17 3.19 3.89 -41.12
N PHE A 18 2.70 3.67 -39.90
CA PHE A 18 3.10 2.50 -39.15
C PHE A 18 2.68 1.23 -39.90
N TYR A 19 1.44 1.21 -40.38
CA TYR A 19 0.90 0.06 -41.11
C TYR A 19 1.77 -0.32 -42.32
N ARG A 20 2.14 0.67 -43.10
CA ARG A 20 2.97 0.42 -44.27
C ARG A 20 4.40 0.01 -43.92
N TYR A 21 5.08 0.85 -43.15
CA TYR A 21 6.48 0.61 -42.81
C TYR A 21 6.80 -0.38 -41.71
N MET A 22 5.88 -0.59 -40.77
CA MET A 22 6.13 -1.54 -39.70
C MET A 22 5.31 -2.81 -39.90
N GLY A 23 4.07 -2.66 -40.35
CA GLY A 23 3.21 -3.83 -40.53
C GLY A 23 3.32 -4.51 -41.87
N ARG A 24 4.21 -3.99 -42.73
CA ARG A 24 4.40 -4.54 -44.05
C ARG A 24 3.09 -4.47 -44.82
N GLY A 25 2.16 -3.64 -44.35
CA GLY A 25 0.88 -3.49 -45.00
C GLY A 25 -0.03 -4.67 -44.72
N GLU A 26 0.16 -5.28 -43.57
CA GLU A 26 -0.64 -6.43 -43.17
C GLU A 26 -1.21 -6.24 -41.76
N GLU A 27 -2.52 -6.38 -41.60
CA GLU A 27 -3.13 -6.23 -40.29
C GLU A 27 -2.49 -7.15 -39.27
N SER A 28 -2.35 -8.42 -39.63
CA SER A 28 -1.76 -9.42 -38.74
C SER A 28 -0.38 -9.00 -38.24
N THR A 29 0.49 -8.61 -39.15
CA THR A 29 1.85 -8.19 -38.80
C THR A 29 1.81 -6.93 -37.93
N THR A 30 0.88 -6.03 -38.21
CA THR A 30 0.77 -4.79 -37.44
C THR A 30 0.26 -5.01 -36.02
N THR A 31 -0.84 -5.73 -35.88
CA THR A 31 -1.42 -5.99 -34.56
C THR A 31 -0.49 -6.89 -33.72
N ASN A 32 0.17 -7.86 -34.37
CA ASN A 32 1.08 -8.74 -33.63
C ASN A 32 2.18 -7.93 -32.96
N TYR A 33 2.77 -7.01 -33.72
CA TYR A 33 3.83 -6.17 -33.20
C TYR A 33 3.38 -5.41 -31.97
N LEU A 34 2.23 -4.73 -32.09
CA LEU A 34 1.68 -3.95 -30.98
C LEU A 34 1.25 -4.78 -29.78
N ILE A 35 0.58 -5.90 -30.02
CA ILE A 35 0.15 -6.76 -28.93
C ILE A 35 1.37 -7.21 -28.13
N GLU A 36 2.42 -7.63 -28.83
CA GLU A 36 3.60 -8.08 -28.12
C GLU A 36 4.32 -6.95 -27.40
N LEU A 37 4.30 -5.75 -27.99
CA LEU A 37 5.00 -4.63 -27.37
C LEU A 37 4.32 -4.21 -26.08
N ILE A 38 3.00 -4.02 -26.14
CA ILE A 38 2.30 -3.60 -24.95
C ILE A 38 2.46 -4.67 -23.88
N ASP A 39 2.45 -5.93 -24.25
CA ASP A 39 2.62 -7.00 -23.25
C ASP A 39 3.97 -6.87 -22.52
N ARG A 40 5.05 -6.65 -23.26
CA ARG A 40 6.36 -6.51 -22.63
C ARG A 40 6.39 -5.28 -21.75
N VAL A 41 5.74 -4.20 -22.22
CA VAL A 41 5.69 -2.97 -21.46
C VAL A 41 4.88 -3.22 -20.19
N ASP A 42 3.82 -4.01 -20.33
CA ASP A 42 2.97 -4.35 -19.20
C ASP A 42 3.79 -5.13 -18.15
N ASP A 43 4.64 -6.04 -18.63
CA ASP A 43 5.49 -6.79 -17.71
C ASP A 43 6.25 -5.83 -16.81
N ILE A 44 6.70 -4.72 -17.39
CA ILE A 44 7.42 -3.77 -16.59
C ILE A 44 6.52 -3.15 -15.53
N TYR A 45 5.32 -2.77 -15.93
CA TYR A 45 4.39 -2.16 -15.00
C TYR A 45 3.82 -3.11 -13.93
N ARG A 46 3.32 -4.26 -14.35
CA ARG A 46 2.75 -5.23 -13.42
C ARG A 46 3.71 -5.63 -12.32
N ASN A 47 4.99 -5.75 -12.66
CA ASN A 47 5.99 -6.17 -11.69
C ASN A 47 6.59 -5.06 -10.83
N THR A 48 6.20 -3.82 -11.07
CA THR A 48 6.74 -2.72 -10.26
C THR A 48 6.01 -2.53 -8.95
N ALA A 49 6.76 -2.42 -7.85
CA ALA A 49 6.17 -2.20 -6.53
C ALA A 49 6.21 -0.69 -6.31
N TRP A 50 5.14 0.00 -6.70
CA TRP A 50 5.06 1.45 -6.57
C TRP A 50 5.35 1.96 -5.16
N ASP A 51 5.06 1.13 -4.16
CA ASP A 51 5.29 1.49 -2.77
C ASP A 51 6.37 0.59 -2.19
N ASN A 52 7.15 -0.02 -3.08
CA ASN A 52 8.23 -0.91 -2.65
C ASN A 52 7.74 -2.00 -1.69
N ALA A 53 6.42 -2.14 -1.58
CA ALA A 53 5.83 -3.14 -0.70
C ALA A 53 4.97 -4.07 -1.53
N GLY A 54 3.67 -4.04 -1.26
CA GLY A 54 2.76 -4.91 -1.99
C GLY A 54 1.86 -4.17 -2.95
N PHE A 55 2.12 -2.90 -3.18
CA PHE A 55 1.29 -2.15 -4.09
C PHE A 55 1.81 -2.35 -5.51
N LYS A 56 1.48 -3.50 -6.08
CA LYS A 56 1.91 -3.84 -7.41
C LYS A 56 0.80 -4.63 -8.10
N GLY A 57 1.04 -5.01 -9.34
CA GLY A 57 0.03 -5.74 -10.07
C GLY A 57 -0.74 -4.79 -10.96
N TYR A 58 -0.30 -3.53 -11.00
CA TYR A 58 -0.95 -2.53 -11.84
C TYR A 58 -0.30 -2.49 -13.21
N GLY A 59 -1.11 -2.50 -14.27
CA GLY A 59 -0.56 -2.49 -15.61
C GLY A 59 -1.48 -2.01 -16.72
N ILE A 60 -1.20 -2.45 -17.94
CA ILE A 60 -1.98 -2.04 -19.11
C ILE A 60 -2.37 -3.22 -20.00
N GLN A 61 -3.49 -3.05 -20.70
CA GLN A 61 -3.99 -4.07 -21.62
C GLN A 61 -4.69 -3.33 -22.75
N ILE A 62 -4.60 -3.90 -23.95
CA ILE A 62 -5.21 -3.33 -25.13
C ILE A 62 -6.70 -3.66 -25.21
N GLU A 63 -7.52 -2.64 -25.38
CA GLU A 63 -8.95 -2.86 -25.48
C GLU A 63 -9.29 -2.94 -26.97
N GLN A 64 -8.76 -2.00 -27.72
CA GLN A 64 -9.00 -1.95 -29.15
C GLN A 64 -7.77 -1.47 -29.89
N ILE A 65 -7.49 -2.10 -31.01
CA ILE A 65 -6.39 -1.71 -31.85
C ILE A 65 -7.02 -1.21 -33.14
N ARG A 66 -6.86 0.06 -33.44
CA ARG A 66 -7.42 0.60 -34.68
C ARG A 66 -6.31 0.68 -35.71
N ILE A 67 -6.55 0.17 -36.91
CA ILE A 67 -5.54 0.25 -37.94
C ILE A 67 -6.02 1.09 -39.12
N LEU A 68 -5.37 2.23 -39.31
CA LEU A 68 -5.71 3.10 -40.41
C LEU A 68 -4.84 2.65 -41.57
N LYS A 69 -5.42 1.88 -42.49
CA LYS A 69 -4.69 1.33 -43.62
C LYS A 69 -4.22 2.30 -44.69
N SER A 70 -4.87 3.44 -44.81
CA SER A 70 -4.46 4.43 -45.80
C SER A 70 -4.57 5.82 -45.19
N PRO A 71 -3.88 6.80 -45.77
CA PRO A 71 -3.95 8.16 -45.22
C PRO A 71 -5.38 8.70 -45.20
N GLN A 72 -5.65 9.59 -44.25
CA GLN A 72 -6.97 10.20 -44.13
C GLN A 72 -7.10 11.30 -45.18
N GLU A 73 -8.03 11.12 -46.11
CA GLU A 73 -8.26 12.10 -47.14
C GLU A 73 -8.87 13.35 -46.50
N VAL A 74 -8.21 14.50 -46.68
CA VAL A 74 -8.70 15.74 -46.09
C VAL A 74 -8.97 16.83 -47.12
N LYS A 75 -9.80 17.78 -46.71
CA LYS A 75 -10.15 18.92 -47.54
C LYS A 75 -9.04 19.95 -47.35
N PRO A 76 -8.82 20.82 -48.34
CA PRO A 76 -7.77 21.84 -48.23
C PRO A 76 -7.91 22.66 -46.94
N GLY A 77 -6.79 22.90 -46.28
CA GLY A 77 -6.81 23.67 -45.05
C GLY A 77 -7.10 22.83 -43.82
N GLU A 78 -7.74 21.68 -44.04
CA GLU A 78 -8.10 20.75 -42.97
C GLU A 78 -6.96 19.76 -42.69
N LYS A 79 -6.73 19.46 -41.42
CA LYS A 79 -5.69 18.51 -41.09
C LYS A 79 -6.20 17.39 -40.19
N HIS A 80 -5.50 16.26 -40.24
CA HIS A 80 -5.85 15.07 -39.48
C HIS A 80 -4.53 14.36 -39.17
N TYR A 81 -4.44 13.73 -37.99
CA TYR A 81 -3.19 13.08 -37.62
C TYR A 81 -2.77 11.97 -38.57
N ASN A 82 -3.74 11.40 -39.27
CA ASN A 82 -3.45 10.31 -40.20
C ASN A 82 -3.40 10.77 -41.66
N MET A 83 -3.37 12.08 -41.90
CA MET A 83 -3.30 12.55 -43.28
C MET A 83 -1.94 12.18 -43.88
N ALA A 84 -1.85 12.25 -45.20
CA ALA A 84 -0.62 11.90 -45.91
C ALA A 84 0.55 12.83 -45.67
N LYS A 85 0.30 14.13 -45.56
CA LYS A 85 1.39 15.06 -45.37
C LYS A 85 1.71 15.36 -43.91
N SER A 86 2.93 15.83 -43.68
CA SER A 86 3.37 16.20 -42.35
C SER A 86 2.93 17.64 -42.11
N TYR A 87 2.78 18.01 -40.85
CA TYR A 87 2.39 19.37 -40.50
C TYR A 87 3.28 19.81 -39.35
N PRO A 88 3.70 21.09 -39.34
CA PRO A 88 3.41 22.14 -40.31
C PRO A 88 4.31 22.22 -41.54
N ASN A 89 5.42 21.50 -41.55
CA ASN A 89 6.32 21.52 -42.70
C ASN A 89 6.13 20.27 -43.56
N GLU A 90 5.30 20.37 -44.60
CA GLU A 90 5.04 19.23 -45.46
C GLU A 90 6.28 18.69 -46.16
N GLU A 91 7.37 19.44 -46.13
CA GLU A 91 8.60 19.00 -46.76
C GLU A 91 9.38 18.02 -45.89
N LYS A 92 9.14 18.06 -44.58
CA LYS A 92 9.81 17.17 -43.65
C LYS A 92 9.10 15.82 -43.60
N ASP A 93 9.81 14.80 -43.15
CA ASP A 93 9.21 13.47 -43.05
C ASP A 93 8.18 13.36 -41.93
N ALA A 94 8.33 14.18 -40.90
CA ALA A 94 7.42 14.12 -39.76
C ALA A 94 6.76 15.42 -39.35
N TRP A 95 5.75 15.29 -38.50
CA TRP A 95 5.04 16.43 -37.95
C TRP A 95 5.93 16.96 -36.85
N ASP A 96 5.53 18.13 -36.33
CA ASP A 96 6.16 18.71 -35.16
C ASP A 96 5.49 17.77 -34.17
N VAL A 97 6.27 17.05 -33.38
CA VAL A 97 5.69 16.09 -32.46
C VAL A 97 4.60 16.65 -31.54
N LYS A 98 4.79 17.84 -30.99
CA LYS A 98 3.77 18.40 -30.11
C LYS A 98 2.44 18.64 -30.83
N MET A 99 2.51 19.26 -32.00
CA MET A 99 1.29 19.52 -32.77
C MET A 99 0.63 18.20 -33.16
N LEU A 100 1.44 17.18 -33.41
CA LEU A 100 0.88 15.87 -33.78
C LEU A 100 0.06 15.28 -32.62
N LEU A 101 0.61 15.36 -31.41
CA LEU A 101 -0.10 14.82 -30.24
C LEU A 101 -1.43 15.55 -30.05
N GLU A 102 -1.41 16.87 -30.19
CA GLU A 102 -2.63 17.66 -30.03
C GLU A 102 -3.65 17.26 -31.08
N GLN A 103 -3.19 17.08 -32.32
CA GLN A 103 -4.08 16.70 -33.41
C GLN A 103 -4.68 15.33 -33.17
N PHE A 104 -3.85 14.38 -32.77
CA PHE A 104 -4.32 13.04 -32.47
C PHE A 104 -5.40 13.15 -31.39
N SER A 105 -5.11 13.91 -30.34
CA SER A 105 -6.07 14.05 -29.25
C SER A 105 -7.40 14.62 -29.75
N PHE A 106 -7.31 15.59 -30.65
CA PHE A 106 -8.50 16.20 -31.23
C PHE A 106 -9.28 15.19 -32.06
N ASP A 107 -8.58 14.50 -32.95
CA ASP A 107 -9.27 13.53 -33.80
C ASP A 107 -9.88 12.29 -33.13
N ILE A 108 -9.25 11.73 -32.10
CA ILE A 108 -9.84 10.55 -31.45
C ILE A 108 -10.55 10.84 -30.13
N ALA A 109 -10.89 12.10 -29.92
CA ALA A 109 -11.56 12.54 -28.70
C ALA A 109 -12.77 11.69 -28.32
N GLU A 110 -13.61 11.36 -29.31
CA GLU A 110 -14.81 10.57 -29.03
C GLU A 110 -14.47 9.20 -28.48
N GLU A 111 -13.49 8.54 -29.10
CA GLU A 111 -13.07 7.21 -28.67
C GLU A 111 -12.27 7.29 -27.37
N ALA A 112 -11.52 8.38 -27.21
CA ALA A 112 -10.69 8.56 -26.01
C ALA A 112 -11.49 8.72 -24.72
N SER A 113 -12.70 9.24 -24.84
CA SER A 113 -13.53 9.45 -23.64
C SER A 113 -13.98 8.12 -23.05
N LYS A 114 -13.90 7.07 -23.85
CA LYS A 114 -14.34 5.75 -23.42
C LYS A 114 -13.19 4.83 -22.97
N VAL A 115 -11.99 5.37 -22.82
CA VAL A 115 -10.85 4.55 -22.39
C VAL A 115 -9.93 5.23 -21.40
N CYS A 116 -9.10 4.41 -20.74
CA CYS A 116 -8.15 4.93 -19.76
C CYS A 116 -7.05 5.71 -20.48
N LEU A 117 -6.55 5.14 -21.58
CA LEU A 117 -5.50 5.80 -22.36
C LEU A 117 -5.61 5.46 -23.84
N ALA A 118 -5.19 6.41 -24.66
CA ALA A 118 -5.19 6.23 -26.10
C ALA A 118 -3.74 6.47 -26.49
N HIS A 119 -3.18 5.58 -27.30
CA HIS A 119 -1.79 5.74 -27.72
C HIS A 119 -1.67 5.59 -29.24
N LEU A 120 -0.99 6.56 -29.86
CA LEU A 120 -0.78 6.55 -31.31
C LEU A 120 0.59 5.98 -31.62
N PHE A 121 0.65 5.03 -32.54
CA PHE A 121 1.93 4.47 -32.97
C PHE A 121 2.08 4.90 -34.42
N THR A 122 3.17 5.60 -34.71
CA THR A 122 3.38 6.09 -36.05
C THR A 122 4.79 5.75 -36.52
N TYR A 123 5.10 6.11 -37.76
CA TYR A 123 6.42 5.86 -38.29
C TYR A 123 6.87 7.10 -39.04
N GLN A 124 7.36 8.07 -38.30
CA GLN A 124 7.87 9.30 -38.90
C GLN A 124 9.07 9.76 -38.10
N ASP A 125 10.07 10.26 -38.82
CA ASP A 125 11.32 10.70 -38.24
C ASP A 125 11.25 12.10 -37.62
N PHE A 126 10.95 12.19 -36.32
CA PHE A 126 10.85 13.47 -35.63
C PHE A 126 12.22 14.11 -35.53
N ASP A 127 12.22 15.43 -35.54
CA ASP A 127 13.45 16.19 -35.47
C ASP A 127 14.28 15.97 -34.20
N MET A 128 15.59 16.07 -34.36
CA MET A 128 16.53 15.95 -33.26
C MET A 128 16.42 14.70 -32.38
N GLY A 129 16.05 13.57 -32.98
CA GLY A 129 15.97 12.31 -32.26
C GLY A 129 14.84 12.03 -31.29
N THR A 130 13.77 12.81 -31.35
CA THR A 130 12.64 12.60 -30.45
C THR A 130 11.88 11.35 -30.93
N LEU A 131 11.47 10.50 -29.97
CA LEU A 131 10.76 9.26 -30.27
C LEU A 131 9.28 9.23 -29.90
N GLY A 132 8.88 10.08 -28.96
CA GLY A 132 7.49 10.07 -28.56
C GLY A 132 7.16 11.26 -27.68
N LEU A 133 5.90 11.30 -27.24
CA LEU A 133 5.39 12.38 -26.40
C LEU A 133 4.08 11.92 -25.76
N ALA A 134 3.75 12.49 -24.60
CA ALA A 134 2.52 12.14 -23.90
C ALA A 134 2.14 13.21 -22.88
N TYR A 135 0.87 13.21 -22.46
CA TYR A 135 0.41 14.17 -21.45
C TYR A 135 0.54 13.52 -20.07
N GLY A 136 0.74 14.35 -19.05
CA GLY A 136 0.88 13.85 -17.70
C GLY A 136 2.31 14.06 -17.24
N GLY A 137 2.48 14.41 -15.97
CA GLY A 137 3.82 14.65 -15.43
C GLY A 137 4.61 15.70 -16.20
N SER A 138 4.11 16.93 -16.21
CA SER A 138 4.72 18.05 -16.94
C SER A 138 5.21 19.23 -16.04
N PRO A 139 5.54 20.41 -16.64
CA PRO A 139 6.02 21.62 -15.97
C PRO A 139 6.31 21.56 -14.47
N HIS A 144 -1.92 19.42 -17.71
CA HIS A 144 -2.47 18.25 -16.97
C HIS A 144 -2.73 17.11 -17.95
N GLY A 145 -3.31 16.02 -17.45
CA GLY A 145 -3.61 14.89 -18.32
C GLY A 145 -3.16 13.52 -17.79
N GLY A 146 -3.04 12.55 -18.69
CA GLY A 146 -2.62 11.24 -18.27
C GLY A 146 -3.77 10.28 -18.19
N VAL A 147 -3.60 9.20 -17.43
CA VAL A 147 -4.64 8.17 -17.29
C VAL A 147 -6.02 8.72 -16.91
N CYS A 148 -7.06 8.10 -17.45
CA CYS A 148 -8.45 8.50 -17.24
C CYS A 148 -8.73 9.82 -17.99
N PRO A 149 -9.67 9.78 -18.94
CA PRO A 149 -10.04 10.95 -19.75
C PRO A 149 -10.39 12.18 -18.95
N LYS A 150 -9.60 13.24 -19.10
CA LYS A 150 -9.91 14.51 -18.44
C LYS A 150 -10.18 15.47 -19.59
N ALA A 151 -11.35 16.11 -19.55
CA ALA A 151 -11.72 17.02 -20.62
C ALA A 151 -10.97 18.35 -20.60
N TYR A 152 -10.78 18.91 -21.78
CA TYR A 152 -10.14 20.20 -21.96
C TYR A 152 -10.82 20.79 -23.18
N TYR A 153 -11.50 21.91 -23.00
CA TYR A 153 -12.19 22.55 -24.10
C TYR A 153 -11.21 23.30 -25.01
N SER A 154 -11.18 22.89 -26.27
CA SER A 154 -10.28 23.52 -27.24
C SER A 154 -10.95 24.67 -27.98
N PRO A 155 -10.59 25.92 -27.64
CA PRO A 155 -11.18 27.09 -28.30
C PRO A 155 -11.00 26.99 -29.82
N VAL A 156 -9.79 26.66 -30.24
CA VAL A 156 -9.46 26.51 -31.65
C VAL A 156 -10.25 25.35 -32.26
N GLY A 157 -10.35 24.24 -31.54
CA GLY A 157 -11.06 23.08 -32.05
C GLY A 157 -12.56 23.08 -31.86
N LYS A 158 -13.04 23.96 -30.98
CA LYS A 158 -14.46 24.09 -30.70
C LYS A 158 -15.15 22.86 -30.09
N LYS A 159 -14.40 22.03 -29.39
CA LYS A 159 -14.95 20.84 -28.74
C LYS A 159 -14.06 20.39 -27.62
N ASN A 160 -14.55 19.45 -26.81
CA ASN A 160 -13.75 18.93 -25.73
C ASN A 160 -12.79 17.87 -26.25
N ILE A 161 -11.54 17.92 -25.81
CA ILE A 161 -10.58 16.90 -26.18
C ILE A 161 -10.14 16.30 -24.85
N TYR A 162 -9.54 15.12 -24.88
CA TYR A 162 -9.09 14.52 -23.63
C TYR A 162 -7.58 14.37 -23.60
N LEU A 163 -6.99 14.57 -22.43
CA LEU A 163 -5.55 14.50 -22.31
C LEU A 163 -4.97 13.15 -21.88
N ASN A 164 -5.72 12.07 -22.11
CA ASN A 164 -5.26 10.73 -21.74
C ASN A 164 -4.66 10.08 -23.00
N SER A 165 -3.62 10.71 -23.54
CA SER A 165 -3.01 10.23 -24.77
C SER A 165 -1.50 10.39 -24.84
N GLY A 166 -0.89 9.69 -25.79
CA GLY A 166 0.54 9.78 -26.00
C GLY A 166 0.84 9.16 -27.36
N LEU A 167 2.09 9.25 -27.80
CA LEU A 167 2.41 8.65 -29.08
C LEU A 167 3.85 8.12 -29.09
N THR A 168 4.10 7.18 -29.99
CA THR A 168 5.39 6.53 -30.17
C THR A 168 5.65 6.39 -31.66
N SER A 169 6.86 6.73 -32.07
CA SER A 169 7.25 6.56 -33.46
C SER A 169 8.34 5.52 -33.42
N THR A 170 8.36 4.58 -34.37
CA THR A 170 9.41 3.58 -34.35
C THR A 170 10.47 3.84 -35.43
N LYS A 171 10.58 5.10 -35.84
CA LYS A 171 11.56 5.51 -36.83
C LYS A 171 12.36 6.67 -36.23
N ASN A 172 13.69 6.62 -36.36
CA ASN A 172 14.56 7.68 -35.87
C ASN A 172 15.84 7.67 -36.71
N TYR A 173 16.21 8.83 -37.24
CA TYR A 173 17.41 8.96 -38.06
C TYR A 173 17.37 8.04 -39.27
N GLY A 174 16.25 8.05 -39.99
CA GLY A 174 16.13 7.25 -41.19
C GLY A 174 16.06 5.73 -41.09
N LYS A 175 15.78 5.19 -39.92
CA LYS A 175 15.66 3.75 -39.82
C LYS A 175 14.73 3.32 -38.72
N THR A 176 14.28 2.08 -38.83
CA THR A 176 13.39 1.50 -37.84
C THR A 176 14.22 1.24 -36.58
N ILE A 177 13.75 1.73 -35.43
CA ILE A 177 14.48 1.50 -34.19
C ILE A 177 14.32 0.06 -33.78
N LEU A 178 15.25 -0.43 -32.96
CA LEU A 178 15.21 -1.81 -32.47
C LEU A 178 13.99 -2.00 -31.62
N THR A 179 13.49 -3.24 -31.58
CA THR A 179 12.33 -3.49 -30.74
C THR A 179 12.69 -3.17 -29.29
N LYS A 180 13.92 -3.46 -28.86
CA LYS A 180 14.25 -3.18 -27.46
C LYS A 180 14.17 -1.68 -27.18
N GLU A 181 14.39 -0.88 -28.22
CA GLU A 181 14.31 0.57 -28.10
C GLU A 181 12.86 1.04 -28.09
N ALA A 182 12.02 0.45 -28.95
CA ALA A 182 10.61 0.80 -29.03
C ALA A 182 9.94 0.57 -27.68
N ASP A 183 10.26 -0.54 -27.04
CA ASP A 183 9.71 -0.87 -25.74
C ASP A 183 9.99 0.27 -24.77
N LEU A 184 11.22 0.76 -24.80
CA LEU A 184 11.59 1.84 -23.90
C LEU A 184 10.80 3.12 -24.11
N VAL A 185 10.56 3.48 -25.37
CA VAL A 185 9.80 4.70 -25.67
C VAL A 185 8.39 4.65 -25.10
N THR A 186 7.67 3.58 -25.41
CA THR A 186 6.31 3.42 -24.92
C THR A 186 6.25 3.35 -23.41
N THR A 187 7.21 2.66 -22.79
CA THR A 187 7.21 2.60 -21.34
C THR A 187 7.38 4.01 -20.79
N HIS A 188 8.27 4.77 -21.40
CA HIS A 188 8.53 6.14 -20.98
C HIS A 188 7.30 7.05 -21.21
N GLU A 189 6.70 6.99 -22.40
CA GLU A 189 5.54 7.85 -22.65
C GLU A 189 4.39 7.46 -21.72
N LEU A 190 4.13 6.16 -21.60
CA LEU A 190 3.07 5.71 -20.70
C LEU A 190 3.43 6.12 -19.28
N GLY A 191 4.71 6.25 -18.99
CA GLY A 191 5.15 6.64 -17.65
C GLY A 191 4.61 8.01 -17.34
N HIS A 192 4.67 8.90 -18.33
CA HIS A 192 4.16 10.25 -18.21
C HIS A 192 2.65 10.17 -17.95
N ASN A 193 1.94 9.37 -18.74
CA ASN A 193 0.50 9.22 -18.58
C ASN A 193 0.21 8.79 -17.15
N PHE A 194 1.08 7.94 -16.59
CA PHE A 194 0.92 7.48 -15.22
C PHE A 194 1.38 8.48 -14.17
N GLY A 195 1.75 9.68 -14.62
CA GLY A 195 2.14 10.74 -13.70
C GLY A 195 3.60 11.01 -13.44
N ALA A 196 4.50 10.23 -14.03
CA ALA A 196 5.92 10.44 -13.79
C ALA A 196 6.52 11.57 -14.63
N GLU A 197 7.41 12.35 -14.01
CA GLU A 197 8.09 13.43 -14.73
C GLU A 197 9.47 12.84 -15.01
N HIS A 198 10.32 13.54 -15.74
CA HIS A 198 11.63 13.00 -16.03
C HIS A 198 12.49 12.93 -14.76
N ASP A 199 13.40 11.98 -14.74
CA ASP A 199 14.30 11.87 -13.59
C ASP A 199 15.33 13.00 -13.73
N PRO A 200 15.58 13.72 -12.63
CA PRO A 200 16.54 14.84 -12.60
C PRO A 200 17.97 14.42 -12.24
N ASP A 201 18.96 15.00 -12.90
CA ASP A 201 20.33 14.65 -12.55
C ASP A 201 20.61 14.95 -11.07
N GLY A 202 19.88 15.93 -10.53
CA GLY A 202 20.07 16.35 -9.14
C GLY A 202 19.89 15.29 -8.05
N LEU A 203 19.21 14.19 -8.37
CA LEU A 203 19.00 13.12 -7.40
C LEU A 203 19.70 11.90 -7.94
N ALA A 204 20.86 11.57 -7.37
CA ALA A 204 21.64 10.42 -7.82
C ALA A 204 20.84 9.11 -7.80
N GLU A 205 20.02 8.95 -6.77
CA GLU A 205 19.21 7.75 -6.63
C GLU A 205 18.33 7.52 -7.86
N CYS A 206 17.83 8.61 -8.44
CA CYS A 206 16.96 8.55 -9.60
C CYS A 206 17.65 8.70 -10.96
N ALA A 207 18.96 8.93 -10.92
CA ALA A 207 19.74 9.07 -12.13
C ALA A 207 21.17 8.59 -11.87
N PRO A 208 21.33 7.28 -11.64
CA PRO A 208 22.62 6.64 -11.36
C PRO A 208 23.63 6.71 -12.51
N ASN A 209 24.91 6.52 -12.16
CA ASN A 209 25.98 6.51 -13.16
C ASN A 209 25.92 5.18 -13.90
N GLU A 210 26.64 5.10 -15.01
CA GLU A 210 26.65 3.87 -15.80
C GLU A 210 27.15 2.66 -15.04
N ASP A 211 27.99 2.88 -14.05
CA ASP A 211 28.53 1.78 -13.26
C ASP A 211 27.60 1.42 -12.10
N GLN A 212 26.51 2.16 -11.98
CA GLN A 212 25.54 1.91 -10.94
C GLN A 212 24.25 1.34 -11.52
N GLY A 213 24.31 0.94 -12.79
CA GLY A 213 23.14 0.39 -13.45
C GLY A 213 22.59 1.30 -14.53
N GLY A 214 23.16 2.49 -14.64
CA GLY A 214 22.70 3.43 -15.65
C GLY A 214 21.47 4.18 -15.22
N LYS A 215 20.86 4.89 -16.17
CA LYS A 215 19.67 5.68 -15.90
C LYS A 215 18.39 4.85 -15.96
N TYR A 216 17.33 5.38 -15.38
CA TYR A 216 16.02 4.73 -15.38
C TYR A 216 15.21 5.14 -16.62
N VAL A 217 14.07 4.49 -16.81
CA VAL A 217 13.25 4.75 -17.97
C VAL A 217 12.78 6.19 -18.18
N MET A 218 12.48 6.90 -17.10
CA MET A 218 12.02 8.29 -17.23
C MET A 218 13.10 9.36 -17.40
N TYR A 219 14.36 8.95 -17.57
CA TYR A 219 15.42 9.92 -17.80
C TYR A 219 15.04 10.57 -19.14
N PRO A 220 15.29 11.88 -19.31
CA PRO A 220 14.95 12.56 -20.56
C PRO A 220 15.72 12.15 -21.81
N ILE A 221 16.95 11.68 -21.62
CA ILE A 221 17.77 11.27 -22.73
C ILE A 221 17.64 9.78 -22.96
N ALA A 222 17.23 9.43 -24.17
CA ALA A 222 17.03 8.05 -24.58
C ALA A 222 18.12 7.12 -24.06
N VAL A 223 17.68 5.95 -23.63
CA VAL A 223 18.60 4.96 -23.13
C VAL A 223 18.42 3.68 -23.96
N SER A 224 19.50 3.20 -24.56
CA SER A 224 19.47 2.01 -25.40
C SER A 224 18.78 0.80 -24.80
N GLY A 225 18.89 0.66 -23.48
CA GLY A 225 18.29 -0.47 -22.82
C GLY A 225 19.32 -1.56 -22.60
N ASP A 226 20.60 -1.19 -22.72
CA ASP A 226 21.69 -2.13 -22.54
C ASP A 226 22.23 -2.07 -21.11
N HIS A 227 21.70 -1.15 -20.31
CA HIS A 227 22.11 -1.02 -18.93
C HIS A 227 20.98 -1.55 -18.04
N GLU A 228 21.34 -2.06 -16.86
CA GLU A 228 20.34 -2.63 -15.97
C GLU A 228 19.12 -1.79 -15.61
N ASN A 229 19.33 -0.56 -15.18
CA ASN A 229 18.21 0.29 -14.77
C ASN A 229 17.33 0.82 -15.90
N ASN A 230 17.86 0.78 -17.13
CA ASN A 230 17.15 1.28 -18.29
C ASN A 230 15.68 0.92 -18.45
N LYS A 231 15.32 -0.33 -18.15
CA LYS A 231 13.94 -0.78 -18.28
C LYS A 231 13.20 -0.83 -16.96
N MET A 232 13.56 0.05 -16.04
CA MET A 232 12.91 0.09 -14.74
C MET A 232 12.60 1.51 -14.34
N PHE A 233 11.68 1.65 -13.41
CA PHE A 233 11.30 2.97 -12.91
C PHE A 233 12.13 3.31 -11.68
N SER A 234 12.59 4.54 -11.62
CA SER A 234 13.39 5.03 -10.49
C SER A 234 12.45 5.21 -9.31
N GLN A 235 13.01 5.55 -8.16
CA GLN A 235 12.21 5.77 -6.96
C GLN A 235 11.40 7.05 -7.15
N CYS A 236 11.95 8.01 -7.87
CA CYS A 236 11.25 9.26 -8.13
C CYS A 236 9.97 8.96 -8.93
N SER A 237 10.10 8.16 -9.98
CA SER A 237 8.94 7.82 -10.80
C SER A 237 7.93 7.02 -9.98
N LYS A 238 8.43 6.12 -9.14
CA LYS A 238 7.56 5.29 -8.33
C LYS A 238 6.67 6.14 -7.44
N GLN A 239 7.28 7.07 -6.71
CA GLN A 239 6.54 7.95 -5.83
C GLN A 239 5.43 8.69 -6.57
N SER A 240 5.76 9.23 -7.75
CA SER A 240 4.77 9.98 -8.54
C SER A 240 3.64 9.07 -8.98
N ILE A 241 3.99 7.97 -9.65
CA ILE A 241 2.98 7.04 -10.14
C ILE A 241 2.15 6.48 -9.00
N TYR A 242 2.79 6.27 -7.86
CA TYR A 242 2.07 5.75 -6.70
C TYR A 242 0.96 6.74 -6.33
N LYS A 243 1.30 8.02 -6.19
CA LYS A 243 0.31 9.04 -5.85
C LYS A 243 -0.80 9.07 -6.89
N THR A 244 -0.41 9.10 -8.16
CA THR A 244 -1.35 9.15 -9.27
C THR A 244 -2.26 7.91 -9.33
N ILE A 245 -1.63 6.75 -9.28
CA ILE A 245 -2.34 5.48 -9.37
C ILE A 245 -3.45 5.36 -8.34
N GLU A 246 -3.24 5.87 -7.15
CA GLU A 246 -4.27 5.77 -6.14
C GLU A 246 -5.54 6.53 -6.49
N SER A 247 -5.40 7.84 -6.68
CA SER A 247 -6.54 8.68 -6.99
C SER A 247 -7.15 8.42 -8.35
N LYS A 248 -6.52 7.55 -9.13
CA LYS A 248 -7.05 7.27 -10.45
C LYS A 248 -7.64 5.90 -10.66
N ALA A 249 -7.09 4.88 -10.00
CA ALA A 249 -7.55 3.51 -10.18
C ALA A 249 -9.06 3.36 -10.11
N GLN A 250 -9.63 3.86 -9.02
CA GLN A 250 -11.07 3.78 -8.80
C GLN A 250 -11.84 4.48 -9.90
N GLU A 251 -11.24 5.53 -10.46
CA GLU A 251 -11.89 6.30 -11.50
C GLU A 251 -12.06 5.57 -12.82
N CYS A 252 -10.96 5.06 -13.38
CA CYS A 252 -11.10 4.40 -14.66
C CYS A 252 -10.41 3.07 -14.86
N PHE A 253 -9.67 2.60 -13.85
CA PHE A 253 -9.00 1.31 -14.01
C PHE A 253 -10.00 0.17 -13.98
N GLN A 254 -9.71 -0.90 -14.71
CA GLN A 254 -10.61 -2.05 -14.76
C GLN A 254 -9.92 -3.34 -14.30
N GLU A 255 -10.64 -4.45 -14.41
CA GLU A 255 -10.11 -5.74 -14.02
C GLU A 255 -9.34 -6.34 -15.20
N ARG A 256 -8.19 -6.92 -14.91
CA ARG A 256 -7.38 -7.52 -15.96
C ARG A 256 -8.12 -8.66 -16.64
N SER A 257 -8.11 -8.68 -17.97
CA SER A 257 -8.73 -9.76 -18.73
C SER A 257 -7.77 -10.94 -18.73
N ASN A 258 -8.29 -12.12 -18.38
CA ASN A 258 -7.51 -13.37 -18.27
C ASN A 258 -7.60 -13.88 -16.86
N PRO B 3 -9.77 -19.28 44.57
CA PRO B 3 -8.91 -20.11 43.70
C PRO B 3 -9.72 -20.61 42.52
N MET B 4 -11.00 -20.28 42.51
CA MET B 4 -11.87 -20.69 41.42
C MET B 4 -11.91 -19.56 40.39
N LYS B 5 -11.65 -18.35 40.85
CA LYS B 5 -11.65 -17.18 39.98
C LYS B 5 -10.20 -16.98 39.49
N ASN B 6 -9.84 -17.71 38.45
CA ASN B 6 -8.49 -17.65 37.91
C ASN B 6 -8.44 -17.26 36.44
N THR B 7 -9.54 -16.72 35.91
CA THR B 7 -9.57 -16.35 34.52
C THR B 7 -10.07 -14.95 34.23
N CYS B 8 -9.32 -14.24 33.41
CA CYS B 8 -9.69 -12.90 33.00
C CYS B 8 -10.31 -13.09 31.63
N LYS B 9 -11.62 -12.88 31.55
CA LYS B 9 -12.35 -13.03 30.30
C LYS B 9 -12.05 -11.85 29.38
N LEU B 10 -11.88 -12.12 28.08
CA LEU B 10 -11.55 -11.08 27.11
C LEU B 10 -12.60 -10.78 26.05
N LEU B 11 -12.63 -9.52 25.63
CA LEU B 11 -13.48 -9.10 24.54
C LEU B 11 -12.41 -8.87 23.48
N VAL B 12 -12.31 -9.77 22.52
CA VAL B 12 -11.29 -9.60 21.49
C VAL B 12 -11.90 -8.99 20.24
N VAL B 13 -11.32 -7.88 19.80
CA VAL B 13 -11.82 -7.18 18.63
C VAL B 13 -10.81 -7.15 17.50
N ALA B 14 -11.30 -7.50 16.32
CA ALA B 14 -10.48 -7.49 15.11
C ALA B 14 -11.08 -6.38 14.26
N ASP B 15 -10.26 -5.42 13.84
CA ASP B 15 -10.77 -4.33 13.01
C ASP B 15 -10.69 -4.71 11.54
N HIS B 16 -11.10 -3.80 10.66
CA HIS B 16 -11.10 -4.08 9.23
C HIS B 16 -9.71 -4.34 8.66
N ARG B 17 -8.70 -3.68 9.20
CA ARG B 17 -7.34 -3.89 8.72
C ARG B 17 -6.90 -5.34 8.95
N PHE B 18 -7.05 -5.80 10.19
CA PHE B 18 -6.65 -7.16 10.56
C PHE B 18 -7.45 -8.19 9.77
N TYR B 19 -8.76 -7.98 9.74
CA TYR B 19 -9.69 -8.85 9.03
C TYR B 19 -9.30 -9.10 7.57
N ARG B 20 -8.83 -8.04 6.93
CA ARG B 20 -8.43 -8.11 5.53
C ARG B 20 -7.06 -8.71 5.30
N TYR B 21 -6.05 -8.15 5.96
CA TYR B 21 -4.67 -8.60 5.78
C TYR B 21 -4.23 -9.81 6.59
N MET B 22 -4.89 -10.08 7.71
CA MET B 22 -4.52 -11.23 8.54
C MET B 22 -5.55 -12.35 8.42
N GLY B 23 -6.80 -11.99 8.21
CA GLY B 23 -7.84 -12.99 8.09
C GLY B 23 -8.22 -13.27 6.66
N ARG B 24 -7.44 -12.71 5.73
CA ARG B 24 -7.69 -12.90 4.31
C ARG B 24 -9.16 -12.60 4.01
N GLY B 25 -9.69 -11.60 4.72
CA GLY B 25 -11.08 -11.21 4.52
C GLY B 25 -12.08 -12.29 4.88
N GLU B 26 -11.63 -13.31 5.61
CA GLU B 26 -12.52 -14.40 6.00
C GLU B 26 -12.83 -14.38 7.50
N GLU B 27 -14.10 -14.51 7.84
CA GLU B 27 -14.50 -14.50 9.23
C GLU B 27 -13.90 -15.70 9.98
N SER B 28 -14.02 -16.88 9.39
CA SER B 28 -13.52 -18.10 10.01
C SER B 28 -12.01 -18.06 10.22
N THR B 29 -11.28 -17.54 9.24
CA THR B 29 -9.83 -17.45 9.32
C THR B 29 -9.43 -16.46 10.40
N THR B 30 -10.03 -15.28 10.36
CA THR B 30 -9.73 -14.26 11.35
C THR B 30 -9.95 -14.81 12.75
N THR B 31 -11.11 -15.45 12.96
CA THR B 31 -11.44 -16.00 14.26
C THR B 31 -10.47 -17.07 14.74
N ASN B 32 -10.12 -18.00 13.87
CA ASN B 32 -9.20 -19.08 14.22
C ASN B 32 -7.83 -18.56 14.63
N TYR B 33 -7.31 -17.59 13.90
CA TYR B 33 -6.01 -17.03 14.21
C TYR B 33 -6.02 -16.52 15.65
N LEU B 34 -7.04 -15.74 15.99
CA LEU B 34 -7.15 -15.16 17.32
C LEU B 34 -7.39 -16.19 18.41
N ILE B 35 -8.19 -17.21 18.13
CA ILE B 35 -8.44 -18.24 19.11
C ILE B 35 -7.12 -18.98 19.43
N GLU B 36 -6.35 -19.27 18.39
CA GLU B 36 -5.08 -19.97 18.60
C GLU B 36 -4.03 -19.11 19.30
N LEU B 37 -3.97 -17.83 18.94
CA LEU B 37 -3.02 -16.90 19.56
C LEU B 37 -3.35 -16.77 21.06
N ILE B 38 -4.62 -16.53 21.38
CA ILE B 38 -4.99 -16.39 22.79
C ILE B 38 -4.76 -17.67 23.56
N ASP B 39 -5.00 -18.82 22.93
CA ASP B 39 -4.77 -20.09 23.62
C ASP B 39 -3.30 -20.25 23.96
N ARG B 40 -2.41 -19.87 23.06
CA ARG B 40 -0.97 -19.97 23.31
C ARG B 40 -0.48 -18.98 24.36
N VAL B 41 -1.01 -17.76 24.34
CA VAL B 41 -0.61 -16.76 25.34
C VAL B 41 -1.08 -17.26 26.71
N ASP B 42 -2.31 -17.77 26.73
CA ASP B 42 -2.88 -18.29 27.96
C ASP B 42 -1.96 -19.38 28.51
N ASP B 43 -1.46 -20.26 27.64
CA ASP B 43 -0.56 -21.33 28.09
C ASP B 43 0.62 -20.73 28.91
N ILE B 44 1.17 -19.61 28.45
CA ILE B 44 2.28 -18.95 29.14
C ILE B 44 1.83 -18.47 30.52
N TYR B 45 0.66 -17.85 30.58
CA TYR B 45 0.13 -17.36 31.85
C TYR B 45 -0.16 -18.48 32.83
N ARG B 46 -0.92 -19.49 32.40
CA ARG B 46 -1.26 -20.59 33.29
C ARG B 46 -0.05 -21.29 33.91
N ASN B 47 1.00 -21.49 33.12
CA ASN B 47 2.21 -22.15 33.62
C ASN B 47 3.09 -21.25 34.49
N THR B 48 2.71 -19.98 34.63
CA THR B 48 3.50 -19.04 35.43
C THR B 48 3.14 -19.11 36.92
N ALA B 49 4.16 -19.29 37.76
CA ALA B 49 3.94 -19.35 39.20
C ALA B 49 4.33 -17.99 39.77
N TRP B 50 3.33 -17.15 39.97
CA TRP B 50 3.54 -15.80 40.47
C TRP B 50 4.23 -15.73 41.84
N ASP B 51 4.39 -16.86 42.50
CA ASP B 51 5.05 -16.90 43.81
C ASP B 51 6.20 -17.88 43.74
N ASN B 52 6.62 -18.20 42.52
CA ASN B 52 7.72 -19.13 42.29
C ASN B 52 7.47 -20.47 42.99
N ALA B 53 6.25 -20.65 43.48
CA ALA B 53 5.87 -21.87 44.17
C ALA B 53 4.75 -22.60 43.44
N GLY B 54 3.56 -22.58 44.04
CA GLY B 54 2.43 -23.27 43.44
C GLY B 54 1.26 -22.36 43.08
N PHE B 55 1.49 -21.06 43.11
CA PHE B 55 0.43 -20.12 42.78
C PHE B 55 0.44 -19.92 41.27
N LYS B 56 -0.13 -20.90 40.56
CA LYS B 56 -0.20 -20.86 39.12
C LYS B 56 -1.63 -21.16 38.72
N GLY B 57 -1.86 -21.38 37.43
CA GLY B 57 -3.20 -21.68 36.97
C GLY B 57 -4.01 -20.48 36.56
N TYR B 58 -3.39 -19.30 36.63
CA TYR B 58 -4.08 -18.07 36.22
C TYR B 58 -3.84 -17.73 34.75
N GLY B 59 -4.88 -17.23 34.09
CA GLY B 59 -4.73 -16.88 32.68
C GLY B 59 -5.88 -16.08 32.12
N ILE B 60 -6.06 -16.21 30.82
CA ILE B 60 -7.10 -15.50 30.10
C ILE B 60 -8.00 -16.48 29.35
N GLN B 61 -9.06 -15.97 28.75
CA GLN B 61 -10.00 -16.81 28.02
C GLN B 61 -10.90 -15.89 27.22
N ILE B 62 -11.06 -16.17 25.93
CA ILE B 62 -11.90 -15.35 25.09
C ILE B 62 -13.35 -15.53 25.53
N GLU B 63 -14.05 -14.41 25.68
CA GLU B 63 -15.44 -14.43 26.10
C GLU B 63 -16.30 -14.11 24.89
N GLN B 64 -15.85 -13.16 24.10
CA GLN B 64 -16.55 -12.75 22.90
C GLN B 64 -15.55 -12.20 21.88
N ILE B 65 -15.82 -12.47 20.61
CA ILE B 65 -14.97 -11.98 19.54
C ILE B 65 -15.76 -11.08 18.61
N ARG B 66 -15.21 -9.94 18.27
CA ARG B 66 -15.87 -9.02 17.37
C ARG B 66 -15.00 -8.77 16.16
N ILE B 67 -15.53 -9.11 14.99
CA ILE B 67 -14.79 -8.93 13.76
C ILE B 67 -15.45 -7.82 12.94
N LEU B 68 -14.78 -6.66 12.86
CA LEU B 68 -15.30 -5.54 12.09
C LEU B 68 -14.92 -5.76 10.64
N LYS B 69 -15.86 -6.31 9.87
CA LYS B 69 -15.62 -6.61 8.46
C LYS B 69 -15.25 -5.40 7.61
N SER B 70 -15.88 -4.27 7.84
CA SER B 70 -15.58 -3.06 7.06
C SER B 70 -15.35 -1.84 7.94
N PRO B 71 -14.61 -0.85 7.41
CA PRO B 71 -14.30 0.39 8.14
C PRO B 71 -15.54 1.02 8.73
N GLN B 72 -15.33 1.85 9.75
CA GLN B 72 -16.44 2.55 10.41
C GLN B 72 -16.60 3.91 9.75
N GLU B 73 -17.81 4.22 9.31
CA GLU B 73 -18.08 5.50 8.67
C GLU B 73 -17.97 6.60 9.73
N VAL B 74 -17.20 7.65 9.44
CA VAL B 74 -17.04 8.74 10.39
C VAL B 74 -17.39 10.12 9.84
N LYS B 75 -18.36 10.76 10.49
CA LYS B 75 -18.82 12.08 10.11
C LYS B 75 -17.64 13.05 10.09
N PRO B 76 -17.78 14.20 9.39
CA PRO B 76 -16.70 15.20 9.31
C PRO B 76 -16.12 15.55 10.68
N GLY B 77 -14.80 15.42 10.81
CA GLY B 77 -14.13 15.73 12.06
C GLY B 77 -14.14 14.63 13.08
N GLU B 78 -15.08 13.69 12.96
CA GLU B 78 -15.21 12.58 13.90
C GLU B 78 -14.14 11.48 13.69
N LYS B 79 -13.87 10.71 14.74
CA LYS B 79 -12.88 9.63 14.70
C LYS B 79 -13.44 8.35 15.29
N HIS B 80 -12.82 7.23 14.90
CA HIS B 80 -13.23 5.92 15.39
C HIS B 80 -12.02 5.02 15.15
N TYR B 81 -11.74 4.13 16.09
CA TYR B 81 -10.59 3.25 15.93
C TYR B 81 -10.67 2.37 14.67
N ASN B 82 -11.88 2.10 14.20
CA ASN B 82 -12.06 1.26 13.03
C ASN B 82 -12.33 2.04 11.74
N MET B 83 -12.01 3.33 11.72
CA MET B 83 -12.22 4.14 10.53
C MET B 83 -11.13 3.85 9.50
N ALA B 84 -11.45 4.12 8.24
CA ALA B 84 -10.52 3.84 7.14
C ALA B 84 -9.21 4.62 7.22
N LYS B 85 -9.29 5.89 7.57
CA LYS B 85 -8.09 6.71 7.63
C LYS B 85 -7.42 6.64 9.00
N SER B 86 -6.10 6.75 9.02
CA SER B 86 -5.38 6.72 10.28
C SER B 86 -5.40 8.15 10.81
N TYR B 87 -5.15 8.31 12.10
CA TYR B 87 -5.15 9.62 12.73
C TYR B 87 -3.94 9.71 13.66
N PRO B 88 -3.32 10.89 13.79
CA PRO B 88 -3.59 12.19 13.18
C PRO B 88 -3.12 12.40 11.74
N ASN B 89 -2.05 11.73 11.33
CA ASN B 89 -1.52 11.89 9.98
C ASN B 89 -2.20 10.95 8.98
N GLU B 90 -3.27 11.42 8.36
CA GLU B 90 -4.02 10.63 7.39
C GLU B 90 -3.13 10.05 6.30
N GLU B 91 -2.00 10.70 6.05
CA GLU B 91 -1.07 10.26 5.02
C GLU B 91 -0.26 9.01 5.39
N LYS B 92 -0.02 8.81 6.68
CA LYS B 92 0.75 7.66 7.14
C LYS B 92 -0.10 6.39 7.23
N ASP B 93 0.57 5.24 7.25
CA ASP B 93 -0.12 3.95 7.32
C ASP B 93 -0.89 3.72 8.62
N ALA B 94 -0.30 4.15 9.74
CA ALA B 94 -0.92 3.91 11.03
C ALA B 94 -1.18 5.13 11.92
N TRP B 95 -2.12 4.94 12.84
CA TRP B 95 -2.48 5.96 13.82
C TRP B 95 -1.30 6.15 14.74
N ASP B 96 -1.39 7.18 15.58
CA ASP B 96 -0.39 7.40 16.61
C ASP B 96 -0.88 6.31 17.58
N VAL B 97 -0.01 5.38 17.94
CA VAL B 97 -0.44 4.30 18.80
C VAL B 97 -1.11 4.72 20.11
N LYS B 98 -0.53 5.72 20.79
CA LYS B 98 -1.12 6.19 22.05
C LYS B 98 -2.53 6.75 21.80
N MET B 99 -2.68 7.54 20.74
CA MET B 99 -3.99 8.11 20.42
C MET B 99 -4.95 7.00 20.02
N LEU B 100 -4.46 6.02 19.26
CA LEU B 100 -5.30 4.92 18.83
C LEU B 100 -5.86 4.16 20.02
N LEU B 101 -5.02 3.88 21.00
CA LEU B 101 -5.48 3.13 22.16
C LEU B 101 -6.57 3.87 22.93
N GLU B 102 -6.41 5.19 23.08
CA GLU B 102 -7.41 5.96 23.79
C GLU B 102 -8.74 5.94 23.02
N GLN B 103 -8.66 6.07 21.70
CA GLN B 103 -9.86 6.05 20.85
C GLN B 103 -10.59 4.71 21.01
N PHE B 104 -9.82 3.63 20.88
CA PHE B 104 -10.40 2.31 21.01
C PHE B 104 -11.13 2.21 22.34
N SER B 105 -10.50 2.70 23.40
CA SER B 105 -11.09 2.66 24.74
C SER B 105 -12.41 3.44 24.77
N PHE B 106 -12.42 4.57 24.08
CA PHE B 106 -13.61 5.42 24.02
C PHE B 106 -14.77 4.74 23.30
N ASP B 107 -14.48 4.15 22.14
CA ASP B 107 -15.53 3.51 21.35
C ASP B 107 -16.09 2.21 21.89
N ILE B 108 -15.22 1.37 22.46
CA ILE B 108 -15.67 0.09 22.99
C ILE B 108 -16.14 0.18 24.45
N ALA B 109 -16.13 1.39 25.00
CA ALA B 109 -16.52 1.62 26.39
C ALA B 109 -17.67 0.77 26.94
N GLU B 110 -18.85 0.84 26.31
CA GLU B 110 -20.00 0.07 26.77
C GLU B 110 -19.68 -1.41 26.91
N GLU B 111 -19.07 -1.99 25.88
CA GLU B 111 -18.72 -3.40 25.94
C GLU B 111 -17.61 -3.64 26.98
N ALA B 112 -16.58 -2.81 26.95
CA ALA B 112 -15.46 -2.94 27.87
C ALA B 112 -15.91 -2.99 29.33
N SER B 113 -17.04 -2.34 29.62
CA SER B 113 -17.55 -2.28 30.98
C SER B 113 -18.04 -3.63 31.50
N LYS B 114 -18.28 -4.57 30.59
CA LYS B 114 -18.79 -5.88 30.96
C LYS B 114 -17.78 -7.01 31.05
N VAL B 115 -16.53 -6.76 30.66
CA VAL B 115 -15.51 -7.80 30.73
C VAL B 115 -14.25 -7.41 31.50
N CYS B 116 -13.42 -8.41 31.77
CA CYS B 116 -12.18 -8.20 32.48
C CYS B 116 -11.23 -7.34 31.64
N LEU B 117 -11.08 -7.70 30.37
CA LEU B 117 -10.21 -6.95 29.45
C LEU B 117 -10.77 -6.92 28.03
N ALA B 118 -10.42 -5.86 27.31
CA ALA B 118 -10.82 -5.71 25.91
C ALA B 118 -9.50 -5.52 25.16
N HIS B 119 -9.31 -6.27 24.08
CA HIS B 119 -8.07 -6.16 23.32
C HIS B 119 -8.35 -5.98 21.84
N LEU B 120 -7.66 -5.02 21.24
CA LEU B 120 -7.79 -4.70 19.83
C LEU B 120 -6.66 -5.30 18.97
N PHE B 121 -7.03 -6.08 17.97
CA PHE B 121 -6.06 -6.65 17.06
C PHE B 121 -6.25 -5.92 15.75
N THR B 122 -5.23 -5.18 15.35
CA THR B 122 -5.25 -4.39 14.13
C THR B 122 -4.07 -4.78 13.25
N TYR B 123 -3.96 -4.13 12.09
CA TYR B 123 -2.88 -4.41 11.17
C TYR B 123 -2.35 -3.10 10.58
N GLN B 124 -1.57 -2.36 11.35
CA GLN B 124 -0.99 -1.11 10.88
C GLN B 124 0.45 -0.98 11.37
N ASP B 125 1.29 -0.35 10.56
CA ASP B 125 2.69 -0.19 10.89
C ASP B 125 2.96 1.08 11.68
N PHE B 126 3.15 0.92 12.98
CA PHE B 126 3.41 2.03 13.89
C PHE B 126 4.83 2.51 13.74
N ASP B 127 5.06 3.75 14.18
CA ASP B 127 6.38 4.37 14.14
C ASP B 127 7.38 3.78 15.12
N MET B 128 8.66 3.87 14.76
CA MET B 128 9.76 3.38 15.58
C MET B 128 9.67 1.89 15.86
N GLY B 129 8.85 1.16 15.10
CA GLY B 129 8.75 -0.28 15.29
C GLY B 129 7.89 -0.77 16.46
N THR B 130 6.99 0.09 16.94
CA THR B 130 6.10 -0.26 18.05
C THR B 130 5.07 -1.28 17.56
N LEU B 131 4.83 -2.33 18.34
CA LEU B 131 3.86 -3.35 17.95
C LEU B 131 2.57 -3.39 18.79
N GLY B 132 2.60 -2.79 19.97
CA GLY B 132 1.41 -2.80 20.80
C GLY B 132 1.46 -1.81 21.94
N LEU B 133 0.34 -1.66 22.64
CA LEU B 133 0.28 -0.73 23.76
C LEU B 133 -0.84 -1.19 24.70
N ALA B 134 -0.70 -0.90 25.99
CA ALA B 134 -1.70 -1.31 26.96
C ALA B 134 -1.60 -0.49 28.25
N TYR B 135 -2.68 -0.47 29.02
CA TYR B 135 -2.72 0.26 30.29
C TYR B 135 -2.54 -0.69 31.47
N GLY B 136 -2.11 -0.14 32.60
CA GLY B 136 -1.93 -0.96 33.79
C GLY B 136 -0.54 -0.86 34.38
N GLY B 137 0.44 -0.50 33.56
CA GLY B 137 1.80 -0.40 34.06
C GLY B 137 2.51 0.94 33.87
N SER B 138 1.76 2.02 33.72
CA SER B 138 2.37 3.34 33.52
C SER B 138 1.56 4.43 34.22
N PRO B 139 2.25 5.48 34.73
CA PRO B 139 3.70 5.69 34.69
C PRO B 139 4.52 4.67 35.48
N ARG B 140 3.84 3.85 36.28
CA ARG B 140 4.51 2.85 37.09
C ARG B 140 3.69 1.56 37.19
N ALA B 141 4.27 0.53 37.80
CA ALA B 141 3.58 -0.73 37.93
C ALA B 141 2.30 -0.53 38.74
N ASN B 142 1.30 -1.38 38.47
CA ASN B 142 0.01 -1.35 39.13
C ASN B 142 -0.69 -0.01 39.10
N SER B 143 -0.49 0.74 38.02
CA SER B 143 -1.12 2.06 37.88
C SER B 143 -2.54 1.94 37.34
N HIS B 144 -3.13 3.07 36.94
CA HIS B 144 -4.49 3.10 36.39
C HIS B 144 -4.69 2.12 35.25
N GLY B 145 -5.90 1.60 35.15
CA GLY B 145 -6.20 0.66 34.07
C GLY B 145 -5.79 -0.76 34.33
N GLY B 146 -5.84 -1.57 33.27
CA GLY B 146 -5.49 -2.97 33.43
C GLY B 146 -6.76 -3.76 33.70
N VAL B 147 -6.60 -4.99 34.15
CA VAL B 147 -7.72 -5.88 34.42
C VAL B 147 -8.85 -5.28 35.26
N CYS B 148 -10.07 -5.74 34.99
CA CYS B 148 -11.26 -5.30 35.71
C CYS B 148 -11.67 -3.90 35.32
N PRO B 149 -12.86 -3.76 34.71
CA PRO B 149 -13.33 -2.45 34.31
C PRO B 149 -13.58 -1.52 35.49
N LYS B 150 -13.10 -0.29 35.35
CA LYS B 150 -13.29 0.75 36.36
C LYS B 150 -13.48 2.01 35.53
N ALA B 151 -14.57 2.71 35.77
CA ALA B 151 -14.85 3.91 34.99
C ALA B 151 -13.96 5.10 35.30
N TYR B 152 -13.61 5.82 34.25
CA TYR B 152 -12.80 7.04 34.35
C TYR B 152 -13.51 8.01 33.41
N TYR B 153 -13.95 9.14 33.94
CA TYR B 153 -14.65 10.11 33.12
C TYR B 153 -13.72 10.85 32.17
N SER B 154 -14.01 10.77 30.88
CA SER B 154 -13.20 11.45 29.88
C SER B 154 -13.86 12.80 29.61
N PRO B 155 -13.27 13.90 30.11
CA PRO B 155 -13.81 15.24 29.91
C PRO B 155 -14.10 15.54 28.44
N VAL B 156 -13.15 15.20 27.57
CA VAL B 156 -13.34 15.42 26.14
C VAL B 156 -14.40 14.46 25.60
N GLY B 157 -14.42 13.24 26.12
CA GLY B 157 -15.39 12.26 25.66
C GLY B 157 -16.79 12.50 26.18
N LYS B 158 -16.90 13.33 27.21
CA LYS B 158 -18.19 13.62 27.82
C LYS B 158 -18.89 12.35 28.25
N LYS B 159 -18.10 11.32 28.57
CA LYS B 159 -18.67 10.06 29.02
C LYS B 159 -17.61 9.19 29.70
N ASN B 160 -18.05 8.18 30.41
CA ASN B 160 -17.11 7.28 31.07
C ASN B 160 -16.45 6.38 30.05
N ILE B 161 -15.22 5.99 30.34
CA ILE B 161 -14.47 5.11 29.48
C ILE B 161 -13.74 4.16 30.42
N TYR B 162 -13.15 3.11 29.87
CA TYR B 162 -12.44 2.17 30.72
C TYR B 162 -11.02 1.98 30.21
N LEU B 163 -10.11 1.73 31.14
CA LEU B 163 -8.71 1.55 30.80
C LEU B 163 -8.27 0.08 30.92
N ASN B 164 -9.24 -0.81 30.82
CA ASN B 164 -8.97 -2.25 30.88
C ASN B 164 -8.79 -2.69 29.44
N SER B 165 -7.79 -2.12 28.76
CA SER B 165 -7.58 -2.42 27.37
C SER B 165 -6.14 -2.35 26.87
N GLY B 166 -5.97 -2.85 25.66
CA GLY B 166 -4.67 -2.87 25.01
C GLY B 166 -4.83 -3.27 23.55
N LEU B 167 -3.78 -3.09 22.76
CA LEU B 167 -3.85 -3.46 21.35
C LEU B 167 -2.58 -4.12 20.88
N THR B 168 -2.72 -4.91 19.82
CA THR B 168 -1.62 -5.61 19.20
C THR B 168 -1.70 -5.40 17.70
N SER B 169 -0.56 -5.18 17.08
CA SER B 169 -0.52 -5.00 15.63
C SER B 169 0.40 -6.10 15.10
N THR B 170 0.02 -6.72 13.98
CA THR B 170 0.84 -7.77 13.42
C THR B 170 1.57 -7.32 12.16
N LYS B 171 1.69 -6.00 12.00
CA LYS B 171 2.40 -5.42 10.86
C LYS B 171 3.54 -4.58 11.40
N ASN B 172 4.68 -4.60 10.71
CA ASN B 172 5.84 -3.82 11.13
C ASN B 172 6.79 -3.71 9.95
N TYR B 173 7.29 -2.49 9.72
CA TYR B 173 8.20 -2.24 8.61
C TYR B 173 7.64 -2.88 7.34
N GLY B 174 6.38 -2.57 7.07
CA GLY B 174 5.71 -3.07 5.87
C GLY B 174 5.40 -4.55 5.76
N LYS B 175 5.87 -5.36 6.70
CA LYS B 175 5.65 -6.81 6.65
C LYS B 175 4.75 -7.35 7.76
N THR B 176 4.22 -8.54 7.54
CA THR B 176 3.42 -9.20 8.55
C THR B 176 4.48 -9.81 9.47
N ILE B 177 4.36 -9.59 10.78
CA ILE B 177 5.35 -10.11 11.71
C ILE B 177 5.15 -11.61 11.90
N LEU B 178 6.13 -12.29 12.47
CA LEU B 178 6.03 -13.72 12.70
C LEU B 178 4.95 -14.03 13.73
N THR B 179 4.37 -15.21 13.65
CA THR B 179 3.34 -15.61 14.60
C THR B 179 3.92 -15.62 16.02
N LYS B 180 5.13 -16.15 16.15
CA LYS B 180 5.78 -16.20 17.45
C LYS B 180 6.01 -14.80 18.01
N GLU B 181 6.18 -13.80 17.14
CA GLU B 181 6.40 -12.42 17.60
C GLU B 181 5.05 -11.87 18.06
N ALA B 182 4.00 -12.15 17.28
CA ALA B 182 2.65 -11.69 17.62
C ALA B 182 2.23 -12.22 19.00
N ASP B 183 2.56 -13.48 19.28
CA ASP B 183 2.24 -14.07 20.57
C ASP B 183 2.92 -13.27 21.68
N LEU B 184 4.15 -12.83 21.42
CA LEU B 184 4.89 -12.08 22.42
C LEU B 184 4.34 -10.66 22.63
N VAL B 185 3.92 -9.99 21.56
CA VAL B 185 3.37 -8.65 21.69
C VAL B 185 2.15 -8.71 22.62
N THR B 186 1.26 -9.65 22.31
CA THR B 186 0.05 -9.79 23.10
C THR B 186 0.31 -10.22 24.56
N THR B 187 1.24 -11.14 24.78
CA THR B 187 1.55 -11.57 26.13
C THR B 187 2.05 -10.37 26.94
N HIS B 188 2.89 -9.57 26.29
CA HIS B 188 3.49 -8.35 26.87
C HIS B 188 2.45 -7.28 27.19
N GLU B 189 1.56 -6.99 26.24
CA GLU B 189 0.53 -5.98 26.48
C GLU B 189 -0.40 -6.46 27.60
N LEU B 190 -0.76 -7.75 27.59
CA LEU B 190 -1.61 -8.28 28.63
C LEU B 190 -0.86 -8.22 29.96
N GLY B 191 0.47 -8.34 29.88
CA GLY B 191 1.30 -8.25 31.06
C GLY B 191 1.12 -6.90 31.73
N HIS B 192 1.11 -5.83 30.93
CA HIS B 192 0.88 -4.49 31.45
C HIS B 192 -0.51 -4.44 32.05
N ASN B 193 -1.47 -5.09 31.39
CA ASN B 193 -2.85 -5.11 31.87
C ASN B 193 -2.89 -5.77 33.24
N PHE B 194 -2.06 -6.80 33.43
CA PHE B 194 -2.01 -7.48 34.70
C PHE B 194 -1.16 -6.70 35.71
N GLY B 195 -0.76 -5.48 35.33
CA GLY B 195 0.01 -4.62 36.22
C GLY B 195 1.53 -4.53 36.11
N ALA B 196 2.16 -5.35 35.27
CA ALA B 196 3.62 -5.28 35.19
C ALA B 196 4.12 -4.09 34.39
N GLU B 197 5.28 -3.56 34.80
CA GLU B 197 5.89 -2.46 34.05
C GLU B 197 7.05 -3.17 33.36
N HIS B 198 7.87 -2.43 32.62
CA HIS B 198 8.98 -3.06 31.92
C HIS B 198 10.07 -3.59 32.84
N ASP B 199 10.79 -4.60 32.36
CA ASP B 199 11.91 -5.15 33.13
C ASP B 199 13.04 -4.13 32.97
N PRO B 200 13.98 -4.07 33.93
CA PRO B 200 15.12 -3.14 33.87
C PRO B 200 15.96 -3.47 32.64
N ASP B 201 16.65 -2.50 32.07
CA ASP B 201 17.47 -2.78 30.88
C ASP B 201 18.85 -3.32 31.26
N GLY B 202 19.63 -3.67 30.25
CA GLY B 202 20.96 -4.19 30.52
C GLY B 202 20.89 -5.54 31.21
N LEU B 203 21.88 -5.80 32.04
CA LEU B 203 21.93 -7.05 32.76
C LEU B 203 21.42 -6.87 34.18
N ALA B 204 20.50 -7.74 34.58
CA ALA B 204 19.94 -7.71 35.93
C ALA B 204 19.30 -9.06 36.16
N GLU B 205 18.82 -9.27 37.38
CA GLU B 205 18.17 -10.51 37.73
C GLU B 205 16.91 -10.67 36.86
N CYS B 206 16.33 -9.53 36.47
CA CYS B 206 15.13 -9.52 35.66
C CYS B 206 15.35 -9.26 34.17
N ALA B 207 16.61 -9.28 33.76
CA ALA B 207 16.97 -9.07 32.37
C ALA B 207 18.26 -9.81 32.07
N PRO B 208 18.22 -11.15 32.11
CA PRO B 208 19.39 -12.00 31.85
C PRO B 208 20.05 -11.76 30.50
N ASN B 209 21.28 -12.23 30.38
CA ASN B 209 22.04 -12.10 29.13
C ASN B 209 21.67 -13.29 28.24
N GLU B 210 22.07 -13.25 26.98
CA GLU B 210 21.75 -14.35 26.08
C GLU B 210 22.08 -15.74 26.64
N ASP B 211 23.28 -15.91 27.20
CA ASP B 211 23.69 -17.21 27.75
C ASP B 211 22.82 -17.71 28.90
N GLN B 212 22.21 -16.78 29.63
CA GLN B 212 21.35 -17.20 30.73
C GLN B 212 19.94 -17.39 30.17
N GLY B 213 19.76 -17.11 28.88
CA GLY B 213 18.46 -17.29 28.25
C GLY B 213 17.82 -16.07 27.58
N GLY B 214 18.48 -14.92 27.66
CA GLY B 214 17.92 -13.73 27.03
C GLY B 214 16.95 -13.01 27.94
N LYS B 215 16.26 -11.99 27.39
CA LYS B 215 15.31 -11.21 28.17
C LYS B 215 13.91 -11.84 28.34
N TYR B 216 13.19 -11.42 29.36
CA TYR B 216 11.84 -11.89 29.64
C TYR B 216 10.84 -11.07 28.83
N VAL B 217 9.60 -11.55 28.74
CA VAL B 217 8.59 -10.89 27.93
C VAL B 217 8.33 -9.41 28.20
N MET B 218 8.50 -8.96 29.43
CA MET B 218 8.27 -7.55 29.73
C MET B 218 9.45 -6.63 29.44
N TYR B 219 10.46 -7.14 28.73
CA TYR B 219 11.59 -6.30 28.36
C TYR B 219 10.99 -5.38 27.29
N PRO B 220 11.39 -4.11 27.26
CA PRO B 220 10.89 -3.11 26.31
C PRO B 220 11.26 -3.22 24.83
N ILE B 221 12.43 -3.74 24.55
CA ILE B 221 12.85 -3.82 23.16
C ILE B 221 13.43 -5.12 22.67
N ALA B 222 13.30 -5.30 21.36
CA ALA B 222 13.81 -6.43 20.63
C ALA B 222 13.60 -7.85 21.16
N VAL B 223 12.53 -8.12 21.89
CA VAL B 223 12.31 -9.49 22.33
C VAL B 223 11.62 -10.20 21.17
N SER B 224 12.47 -10.78 20.34
CA SER B 224 12.11 -11.48 19.13
C SER B 224 11.47 -12.85 19.27
N GLY B 225 11.68 -13.49 20.41
CA GLY B 225 11.14 -14.82 20.61
C GLY B 225 12.23 -15.83 20.29
N ASP B 226 13.38 -15.33 19.85
CA ASP B 226 14.52 -16.16 19.49
C ASP B 226 15.25 -16.73 20.70
N HIS B 227 14.88 -16.27 21.89
CA HIS B 227 15.53 -16.73 23.11
C HIS B 227 14.53 -17.31 24.07
N GLU B 228 14.99 -18.32 24.82
CA GLU B 228 14.17 -19.03 25.78
C GLU B 228 13.34 -18.17 26.73
N ASN B 229 13.97 -17.19 27.38
CA ASN B 229 13.26 -16.37 28.34
C ASN B 229 12.22 -15.43 27.71
N ASN B 230 12.33 -15.18 26.42
CA ASN B 230 11.39 -14.30 25.73
C ASN B 230 9.93 -14.62 26.02
N LYS B 231 9.62 -15.91 26.16
CA LYS B 231 8.26 -16.38 26.41
C LYS B 231 7.87 -16.50 27.88
N MET B 232 8.67 -15.96 28.79
CA MET B 232 8.34 -16.08 30.22
C MET B 232 8.40 -14.75 30.96
N PHE B 233 7.79 -14.71 32.13
CA PHE B 233 7.79 -13.51 32.96
C PHE B 233 8.97 -13.50 33.92
N SER B 234 9.54 -12.32 34.14
CA SER B 234 10.66 -12.18 35.05
C SER B 234 10.12 -12.16 36.47
N GLN B 235 11.03 -12.25 37.44
CA GLN B 235 10.67 -12.20 38.84
C GLN B 235 10.02 -10.85 39.12
N CYS B 236 10.51 -9.81 38.42
CA CYS B 236 9.98 -8.46 38.59
C CYS B 236 8.53 -8.37 38.15
N SER B 237 8.23 -8.98 37.01
CA SER B 237 6.87 -8.98 36.49
C SER B 237 5.95 -9.77 37.41
N LYS B 238 6.47 -10.86 37.98
CA LYS B 238 5.68 -11.69 38.88
C LYS B 238 5.25 -10.96 40.13
N GLN B 239 6.19 -10.23 40.73
CA GLN B 239 5.91 -9.47 41.95
C GLN B 239 4.78 -8.48 41.68
N SER B 240 4.87 -7.78 40.55
CA SER B 240 3.86 -6.79 40.21
C SER B 240 2.50 -7.44 39.92
N ILE B 241 2.52 -8.54 39.18
CA ILE B 241 1.30 -9.24 38.80
C ILE B 241 0.65 -9.97 39.97
N TYR B 242 1.46 -10.50 40.88
CA TYR B 242 0.94 -11.19 42.05
C TYR B 242 0.08 -10.18 42.78
N LYS B 243 0.61 -8.98 42.99
CA LYS B 243 -0.13 -7.92 43.65
C LYS B 243 -1.49 -7.74 42.99
N THR B 244 -1.48 -7.60 41.68
CA THR B 244 -2.71 -7.42 40.92
C THR B 244 -3.69 -8.57 41.17
N ILE B 245 -3.22 -9.80 40.97
CA ILE B 245 -4.07 -10.96 41.16
C ILE B 245 -4.69 -11.05 42.55
N GLU B 246 -3.87 -10.92 43.60
CA GLU B 246 -4.42 -11.05 44.94
C GLU B 246 -5.36 -9.92 45.37
N SER B 247 -5.49 -8.87 44.55
CA SER B 247 -6.37 -7.78 44.91
C SER B 247 -7.45 -7.47 43.89
N LYS B 248 -7.42 -8.17 42.75
CA LYS B 248 -8.40 -7.94 41.69
C LYS B 248 -9.05 -9.22 41.20
N ALA B 249 -8.38 -10.35 41.38
CA ALA B 249 -8.94 -11.63 40.94
C ALA B 249 -10.34 -11.79 41.50
N GLN B 250 -10.52 -11.35 42.75
CA GLN B 250 -11.79 -11.44 43.42
C GLN B 250 -12.79 -10.47 42.81
N GLU B 251 -12.26 -9.36 42.28
CA GLU B 251 -13.09 -8.33 41.66
C GLU B 251 -13.73 -8.69 40.32
N CYS B 252 -12.96 -9.24 39.38
CA CYS B 252 -13.54 -9.58 38.07
C CYS B 252 -13.07 -10.87 37.41
N PHE B 253 -12.19 -11.62 38.08
CA PHE B 253 -11.73 -12.89 37.50
C PHE B 253 -12.80 -13.94 37.70
N GLN B 254 -12.96 -14.80 36.70
CA GLN B 254 -13.97 -15.85 36.75
C GLN B 254 -13.34 -17.22 36.59
N GLU B 255 -14.19 -18.24 36.55
CA GLU B 255 -13.75 -19.62 36.35
C GLU B 255 -13.77 -19.81 34.84
N ARG B 256 -13.10 -20.84 34.34
CA ARG B 256 -13.13 -21.07 32.90
C ARG B 256 -14.57 -21.37 32.46
ZN ZN C . 9.46 12.35 -21.62
C0 INN D . 11.22 12.40 -25.42
C INN D . 10.36 12.47 -24.18
O INN D . 10.79 12.95 -23.14
N INN D . 9.14 11.94 -24.35
O4 INN D . 8.24 11.94 -23.29
C4 INN D . 13.26 11.44 -26.50
O1 INN D . 12.85 11.06 -27.60
CA INN D . 12.35 11.38 -25.29
CB INN D . 11.78 9.97 -25.15
C1 INN D . 12.84 8.95 -24.75
C2 INN D . 13.23 9.10 -23.28
C3 INN D . 12.35 7.53 -25.02
N1 INN D . 14.50 11.90 -26.23
C5 INN D . 15.43 12.16 -27.33
C6 INN D . 15.98 13.60 -27.22
C7 INN D . 14.81 14.60 -27.25
C8 INN D . 16.76 13.77 -25.91
C9 INN D . 16.91 13.88 -28.42
C10 INN D . 16.57 11.15 -27.40
O2 INN D . 17.20 10.83 -26.39
N2 INN D . 16.79 10.64 -28.63
C11 INN D . 18.08 10.04 -28.91
C13 INN D . 19.10 11.02 -29.54
O3 INN D . 18.75 11.83 -30.40
C12 INN D . 17.92 8.81 -29.82
N4 INN D . 21.42 13.92 -30.70
C15 INN D . 21.27 13.14 -29.44
C14 INN D . 21.41 11.65 -29.74
N3 INN D . 20.36 10.89 -29.07
ZN ZN E . 5.38 -2.34 27.08
C1 002 F . 9.41 -2.54 19.93
C2 002 F . 10.39 -1.35 20.10
C3 002 F . 9.65 -0.16 20.72
C4 002 F . 10.60 0.92 21.21
C5 002 F . 7.43 -2.92 21.21
C6 002 F . 10.18 -3.72 19.32
C7 002 F . 10.85 -4.75 17.23
C8 002 F . 10.07 -5.88 16.55
C9 002 F . 5.58 -1.86 24.42
C10 002 F . 6.20 -1.79 23.04
C11 002 F . 11.59 -3.94 16.18
C12 002 F . 10.98 -0.98 18.73
N3 002 F . 8.78 -2.85 21.21
O6 002 F . 10.92 -4.41 20.01
O1 002 F . 12.82 -4.12 16.05
O2 002 F . 3.83 -2.15 25.77
C13 002 F . 9.71 -7.05 17.48
C20 002 F . 10.94 -7.52 18.27
C21 002 F . 9.15 -8.22 16.66
N1 002 F . 4.25 -1.96 24.48
O3 002 F . 6.29 -1.83 25.41
C22 002 F . 6.82 -3.12 22.59
C23 002 F . 5.79 -4.26 22.57
O4 002 F . 6.71 -2.81 20.22
N2 002 F . 9.92 -3.92 18.01
O5 002 F . 10.94 -3.12 15.49
C14 002 F . 6.47 -5.60 22.37
C15 002 F . 6.86 -6.37 23.51
C16 002 F . 7.47 -7.65 23.33
C17 002 F . 7.69 -8.16 22.01
C18 002 F . 7.33 -7.37 20.87
C19 002 F . 6.72 -6.09 21.06
#